data_7PLK
#
_entry.id   7PLK
#
_cell.length_a   66.078
_cell.length_b   48.799
_cell.length_c   86.476
_cell.angle_alpha   90.000
_cell.angle_beta   99.548
_cell.angle_gamma   90.000
#
_symmetry.space_group_name_H-M   'P 1 21 1'
#
loop_
_entity.id
_entity.type
_entity.pdbx_description
1 polymer 'Heat shock cognate 71 kDa protein'
2 non-polymer '5-pyrrol-1-ylpyridine-3-carboxylic acid'
3 non-polymer 'POTASSIUM ION'
4 non-polymer '4-(2-HYDROXYETHYL)-1-PIPERAZINE ETHANESULFONIC ACID'
5 non-polymer GLYCEROL
6 water water
#
_entity_poly.entity_id   1
_entity_poly.type   'polypeptide(L)'
_entity_poly.pdbx_seq_one_letter_code
;MSKGPAVGIDLGTTYSCVGVFQHGKVEIIANDQGNRTTPSYVAFTDTERLIGDAAKNQVAMNPTNTVFDAKRLIGRRFDD
AVVQSDMKHWPFMVVNDAGRPKVQVEYKGETKSFYPEEVSSMVLTKMKEIAEAYLGKTVTNAVVTVPAYFNDSQRQATKD
AGTIAGLNVLRIINEPTAAAIAYGLDKKVGAERNVLIFDLGGGTFDVSILTIAAGIFEVKSTAGDTHLGGEDFDNRMVNH
FIAEFKRKHKKDISENKRAVRRLRTACERAKRTLSSSTQASIEIDSLYEGIDFYTSITRARFEELNADLFRGTLDPVEKA
LRDAKLDKSQIHDIVLVGGSTRIPKIQKLLQDFFNGKELNKSINPDEAVAYGAAVQAAILSGDKSENVQDLLLLDVTPLS
LGIETAGGVMTVLIKRNTTIPTKQTQTFTTYSDNQPGVLIQVYEGERAMTKDNNLLGKFELTGIPPAPRGVPQIEVTFDI
DANGILNVSAVDKSTGKENKITITNDKGRLSKEDIERMVQEAEKYKAEDEKQRDKVSSKNSLESYAFNMKATVE
;
_entity_poly.pdbx_strand_id   A
#
loop_
_chem_comp.id
_chem_comp.type
_chem_comp.name
_chem_comp.formula
7UE non-polymer '5-pyrrol-1-ylpyridine-3-carboxylic acid' 'C10 H8 N2 O2'
EPE non-polymer '4-(2-HYDROXYETHYL)-1-PIPERAZINE ETHANESULFONIC ACID' 'C8 H18 N2 O4 S'
GOL non-polymer GLYCEROL 'C3 H8 O3'
K non-polymer 'POTASSIUM ION' 'K 1'
#
# COMPACT_ATOMS: atom_id res chain seq x y z
N GLY A 4 20.00 -13.41 17.76
CA GLY A 4 19.27 -13.96 16.62
C GLY A 4 18.37 -12.93 15.98
N PRO A 5 18.61 -12.62 14.71
CA PRO A 5 17.96 -11.46 14.07
C PRO A 5 16.46 -11.65 13.91
N ALA A 6 15.83 -10.58 13.45
CA ALA A 6 14.39 -10.54 13.25
C ALA A 6 14.05 -10.82 11.79
N VAL A 7 12.80 -11.18 11.54
CA VAL A 7 12.40 -11.55 10.19
C VAL A 7 11.35 -10.56 9.65
N GLY A 8 11.36 -10.37 8.34
CA GLY A 8 10.29 -9.68 7.64
C GLY A 8 9.40 -10.69 6.94
N ILE A 9 8.09 -10.58 7.18
CA ILE A 9 7.11 -11.49 6.62
C ILE A 9 6.12 -10.72 5.75
N ASP A 10 5.90 -11.22 4.54
CA ASP A 10 4.84 -10.72 3.67
C ASP A 10 3.69 -11.72 3.79
N LEU A 11 2.69 -11.35 4.58
CA LEU A 11 1.47 -12.17 4.77
C LEU A 11 0.48 -11.77 3.66
N GLY A 12 0.63 -12.36 2.48
CA GLY A 12 -0.19 -12.05 1.30
C GLY A 12 -1.54 -12.73 1.31
N THR A 13 -2.43 -12.27 0.44
CA THR A 13 -3.80 -12.83 0.32
C THR A 13 -3.75 -14.29 -0.13
N THR A 14 -2.90 -14.63 -1.10
CA THR A 14 -2.89 -16.02 -1.60
C THR A 14 -1.58 -16.74 -1.27
N TYR A 15 -0.49 -16.00 -1.13
CA TYR A 15 0.84 -16.61 -0.86
C TYR A 15 1.60 -15.72 0.13
N SER A 16 2.46 -16.32 0.94
CA SER A 16 3.24 -15.59 1.93
C SER A 16 4.72 -15.89 1.75
N CYS A 17 5.54 -15.01 2.31
CA CYS A 17 6.97 -15.02 2.01
C CYS A 17 7.72 -14.47 3.21
N VAL A 18 8.87 -15.07 3.50
CA VAL A 18 9.64 -14.72 4.68
C VAL A 18 11.07 -14.46 4.27
N GLY A 19 11.65 -13.40 4.83
CA GLY A 19 13.00 -13.00 4.50
C GLY A 19 13.78 -12.67 5.78
N VAL A 20 15.09 -12.75 5.64
CA VAL A 20 16.00 -12.39 6.72
C VAL A 20 17.18 -11.63 6.13
N PHE A 21 17.61 -10.60 6.83
CA PHE A 21 18.86 -9.92 6.55
C PHE A 21 19.86 -10.48 7.55
N GLN A 22 20.86 -11.21 7.04
CA GLN A 22 21.90 -11.87 7.81
C GLN A 22 23.22 -11.67 7.11
N HIS A 23 24.21 -11.16 7.85
CA HIS A 23 25.58 -10.92 7.36
C HIS A 23 25.59 -10.13 6.05
N GLY A 24 24.89 -9.00 6.05
CA GLY A 24 24.92 -8.07 4.93
C GLY A 24 24.22 -8.51 3.66
N LYS A 25 23.35 -9.51 3.77
CA LYS A 25 22.60 -10.01 2.59
C LYS A 25 21.17 -10.35 3.01
N VAL A 26 20.20 -10.11 2.12
CA VAL A 26 18.81 -10.48 2.39
C VAL A 26 18.54 -11.81 1.72
N GLU A 27 18.13 -12.79 2.50
CA GLU A 27 17.86 -14.12 2.01
C GLU A 27 16.36 -14.38 2.14
N ILE A 28 15.76 -14.88 1.08
CA ILE A 28 14.38 -15.36 1.12
C ILE A 28 14.44 -16.85 1.38
N ILE A 29 13.71 -17.30 2.38
CA ILE A 29 13.87 -18.64 2.95
C ILE A 29 12.85 -19.58 2.32
N ALA A 30 13.34 -20.68 1.78
CA ALA A 30 12.45 -21.69 1.17
C ALA A 30 11.73 -22.46 2.28
N ASN A 31 10.59 -23.06 1.95
CA ASN A 31 9.81 -23.88 2.91
C ASN A 31 10.30 -25.34 2.86
N ASP A 32 9.59 -26.26 3.53
CA ASP A 32 9.99 -27.68 3.63
C ASP A 32 10.10 -28.32 2.24
N GLN A 33 9.23 -27.95 1.31
CA GLN A 33 9.18 -28.48 -0.08
C GLN A 33 10.05 -27.65 -1.02
N GLY A 34 10.86 -26.73 -0.49
CA GLY A 34 11.82 -25.95 -1.32
C GLY A 34 11.25 -24.71 -1.99
N ASN A 35 10.05 -24.28 -1.63
CA ASN A 35 9.45 -23.12 -2.26
C ASN A 35 9.76 -21.86 -1.47
N ARG A 36 10.16 -20.81 -2.17
CA ARG A 36 10.46 -19.47 -1.59
C ARG A 36 9.18 -18.77 -1.13
N THR A 37 8.03 -19.21 -1.62
CA THR A 37 6.72 -18.64 -1.22
C THR A 37 5.83 -19.79 -0.76
N THR A 38 4.94 -19.53 0.20
CA THR A 38 4.05 -20.58 0.76
C THR A 38 2.60 -20.15 0.59
N PRO A 39 1.69 -21.02 0.11
CA PRO A 39 0.30 -20.66 -0.05
C PRO A 39 -0.32 -20.31 1.31
N SER A 40 -1.16 -19.26 1.34
CA SER A 40 -1.83 -18.83 2.59
C SER A 40 -3.08 -19.67 2.82
N TYR A 41 -2.90 -20.99 2.94
CA TYR A 41 -3.99 -21.96 3.05
C TYR A 41 -3.84 -22.74 4.35
N VAL A 42 -4.91 -22.82 5.12
CA VAL A 42 -4.90 -23.68 6.33
C VAL A 42 -6.01 -24.70 6.10
N ALA A 43 -5.65 -25.97 5.94
CA ALA A 43 -6.61 -27.03 5.73
C ALA A 43 -6.79 -27.83 7.02
N PHE A 44 -8.04 -28.14 7.33
CA PHE A 44 -8.39 -28.94 8.48
C PHE A 44 -8.99 -30.25 7.98
N THR A 45 -8.65 -31.35 8.64
CA THR A 45 -9.19 -32.64 8.28
C THR A 45 -9.53 -33.43 9.54
N ASP A 46 -9.97 -34.67 9.33
CA ASP A 46 -10.35 -35.58 10.40
C ASP A 46 -9.19 -35.98 11.30
N THR A 47 -7.96 -35.66 10.93
CA THR A 47 -6.77 -36.11 11.63
C THR A 47 -5.80 -35.00 11.98
N GLU A 48 -5.63 -34.00 11.12
CA GLU A 48 -4.52 -33.09 11.32
C GLU A 48 -4.91 -31.69 10.87
N ARG A 49 -4.00 -30.74 11.12
CA ARG A 49 -4.09 -29.37 10.64
C ARG A 49 -3.00 -29.17 9.59
N LEU A 50 -3.39 -28.77 8.39
CA LEU A 50 -2.45 -28.57 7.30
C LEU A 50 -2.29 -27.07 7.02
N ILE A 51 -1.03 -26.64 6.82
CA ILE A 51 -0.68 -25.25 6.58
C ILE A 51 0.29 -25.19 5.40
N GLY A 52 0.00 -24.32 4.44
CA GLY A 52 0.91 -24.07 3.34
C GLY A 52 0.69 -25.01 2.17
N ASP A 53 1.79 -25.52 1.60
CA ASP A 53 1.71 -26.28 0.36
C ASP A 53 0.86 -27.54 0.52
N ALA A 54 1.02 -28.27 1.63
CA ALA A 54 0.24 -29.49 1.82
C ALA A 54 -1.25 -29.18 1.94
N ALA A 55 -1.60 -27.99 2.46
CA ALA A 55 -2.99 -27.57 2.51
C ALA A 55 -3.50 -27.18 1.12
N LYS A 56 -2.71 -26.44 0.36
CA LYS A 56 -3.13 -26.05 -1.01
C LYS A 56 -3.23 -27.31 -1.89
N ASN A 57 -2.32 -28.26 -1.67
CA ASN A 57 -2.24 -29.51 -2.46
C ASN A 57 -3.49 -30.38 -2.28
N GLN A 58 -4.16 -30.32 -1.14
CA GLN A 58 -5.35 -31.16 -0.86
C GLN A 58 -6.65 -30.39 -1.07
N VAL A 59 -6.61 -29.23 -1.72
CA VAL A 59 -7.83 -28.38 -1.90
C VAL A 59 -8.90 -29.15 -2.66
N ALA A 60 -8.52 -29.90 -3.70
CA ALA A 60 -9.51 -30.63 -4.48
C ALA A 60 -10.21 -31.72 -3.66
N MET A 61 -9.56 -32.26 -2.63
CA MET A 61 -10.21 -33.30 -1.81
C MET A 61 -11.09 -32.70 -0.71
N ASN A 62 -10.71 -31.56 -0.15
CA ASN A 62 -11.32 -31.06 1.08
C ASN A 62 -11.59 -29.57 0.95
N PRO A 63 -12.37 -29.17 -0.05
CA PRO A 63 -12.57 -27.72 -0.27
C PRO A 63 -13.41 -27.06 0.81
N THR A 64 -14.30 -27.79 1.47
CA THR A 64 -15.13 -27.19 2.52
C THR A 64 -14.36 -26.93 3.81
N ASN A 65 -13.21 -27.59 3.99
CA ASN A 65 -12.44 -27.41 5.24
C ASN A 65 -11.11 -26.72 4.96
N THR A 66 -10.83 -26.36 3.70
CA THR A 66 -9.56 -25.68 3.37
C THR A 66 -9.83 -24.17 3.30
N VAL A 67 -9.08 -23.38 4.08
CA VAL A 67 -9.32 -21.92 4.17
C VAL A 67 -8.21 -21.14 3.49
N PHE A 68 -8.59 -20.09 2.77
CA PHE A 68 -7.69 -19.19 2.08
C PHE A 68 -8.38 -17.83 2.04
N ASP A 69 -7.70 -16.81 1.52
CA ASP A 69 -8.29 -15.45 1.41
C ASP A 69 -8.66 -14.88 2.77
N ALA A 70 -7.99 -15.30 3.84
CA ALA A 70 -8.32 -14.78 5.16
C ALA A 70 -7.95 -13.32 5.29
N LYS A 71 -7.00 -12.85 4.48
CA LYS A 71 -6.71 -11.42 4.40
C LYS A 71 -7.95 -10.62 3.96
N ARG A 72 -8.92 -11.24 3.28
CA ARG A 72 -10.13 -10.52 2.88
C ARG A 72 -11.14 -10.35 4.02
N LEU A 73 -11.00 -11.12 5.10
CA LEU A 73 -11.90 -10.96 6.23
C LEU A 73 -11.27 -10.19 7.38
N ILE A 74 -9.94 -10.13 7.40
CA ILE A 74 -9.22 -9.75 8.62
C ILE A 74 -9.54 -8.30 8.96
N GLY A 75 -10.02 -8.07 10.17
CA GLY A 75 -10.40 -6.73 10.59
C GLY A 75 -11.61 -6.15 9.88
N ARG A 76 -12.63 -6.95 9.62
CA ARG A 76 -13.85 -6.46 8.99
C ARG A 76 -15.07 -6.91 9.79
N ARG A 77 -16.17 -6.20 9.59
CA ARG A 77 -17.46 -6.59 10.12
C ARG A 77 -18.01 -7.77 9.33
N PHE A 78 -18.85 -8.60 9.95
CA PHE A 78 -19.45 -9.74 9.20
C PHE A 78 -20.37 -9.21 8.10
N ASP A 79 -21.01 -8.07 8.38
CA ASP A 79 -22.02 -7.45 7.48
C ASP A 79 -21.35 -6.60 6.39
N ASP A 80 -20.02 -6.49 6.41
CA ASP A 80 -19.30 -5.68 5.40
C ASP A 80 -19.68 -6.19 4.00
N ALA A 81 -19.91 -5.27 3.06
CA ALA A 81 -20.34 -5.63 1.69
C ALA A 81 -19.26 -6.50 1.02
N VAL A 82 -17.97 -6.18 1.23
CA VAL A 82 -16.91 -7.04 0.63
C VAL A 82 -17.04 -8.44 1.23
N VAL A 83 -17.17 -8.53 2.55
CA VAL A 83 -17.32 -9.84 3.18
C VAL A 83 -18.50 -10.59 2.58
N GLN A 84 -19.65 -9.91 2.48
CA GLN A 84 -20.87 -10.58 2.06
C GLN A 84 -20.75 -11.10 0.64
N SER A 85 -20.27 -10.28 -0.29
CA SER A 85 -20.17 -10.74 -1.67
C SER A 85 -19.04 -11.75 -1.85
N ASP A 86 -17.92 -11.57 -1.14
CA ASP A 86 -16.77 -12.48 -1.24
C ASP A 86 -17.16 -13.91 -0.88
N MET A 87 -18.17 -14.07 -0.01
CA MET A 87 -18.56 -15.41 0.45
C MET A 87 -19.10 -16.26 -0.70
N LYS A 88 -19.74 -15.63 -1.68
CA LYS A 88 -20.39 -16.31 -2.80
C LYS A 88 -19.38 -17.05 -3.69
N HIS A 89 -18.11 -16.97 -3.35
CA HIS A 89 -17.07 -17.65 -4.10
C HIS A 89 -16.24 -18.61 -3.25
N TRP A 90 -16.43 -18.65 -1.93
CA TRP A 90 -15.62 -19.45 -1.03
C TRP A 90 -16.31 -20.78 -0.74
N PRO A 91 -15.68 -21.90 -1.09
CA PRO A 91 -16.29 -23.20 -0.74
C PRO A 91 -16.46 -23.39 0.75
N PHE A 92 -15.71 -22.66 1.57
CA PHE A 92 -15.78 -22.80 3.02
C PHE A 92 -16.78 -21.83 3.63
N MET A 93 -17.21 -22.16 4.83
CA MET A 93 -18.32 -21.50 5.49
C MET A 93 -17.86 -20.29 6.30
N VAL A 94 -18.60 -19.19 6.18
CA VAL A 94 -18.45 -17.99 7.00
C VAL A 94 -19.76 -17.78 7.77
N VAL A 95 -19.64 -17.30 9.02
CA VAL A 95 -20.76 -17.28 9.95
C VAL A 95 -20.69 -16.01 10.78
N ASN A 96 -21.84 -15.61 11.32
CA ASN A 96 -21.98 -14.36 12.08
C ASN A 96 -21.92 -14.67 13.57
N ASP A 97 -20.75 -14.43 14.18
CA ASP A 97 -20.62 -14.41 15.64
C ASP A 97 -20.53 -12.96 16.10
N ALA A 98 -21.67 -12.43 16.57
CA ALA A 98 -21.75 -11.11 17.20
C ALA A 98 -21.22 -10.02 16.28
N GLY A 99 -21.54 -10.13 14.99
CA GLY A 99 -21.05 -9.19 14.01
C GLY A 99 -19.61 -9.37 13.59
N ARG A 100 -19.02 -10.52 13.88
CA ARG A 100 -17.65 -10.81 13.49
C ARG A 100 -17.65 -11.98 12.50
N PRO A 101 -16.82 -11.95 11.47
CA PRO A 101 -16.64 -13.13 10.64
C PRO A 101 -15.84 -14.19 11.39
N LYS A 102 -16.24 -15.45 11.15
CA LYS A 102 -15.51 -16.60 11.70
C LYS A 102 -15.61 -17.73 10.68
N VAL A 103 -14.49 -18.22 10.17
CA VAL A 103 -14.59 -19.34 9.24
C VAL A 103 -14.88 -20.62 10.02
N GLN A 104 -15.88 -21.37 9.58
CA GLN A 104 -16.32 -22.56 10.29
C GLN A 104 -15.94 -23.79 9.49
N VAL A 105 -15.41 -24.79 10.20
CA VAL A 105 -14.74 -25.93 9.60
C VAL A 105 -14.85 -27.10 10.57
N GLU A 106 -14.76 -28.32 10.04
CA GLU A 106 -14.79 -29.52 10.86
C GLU A 106 -13.36 -30.03 11.03
N TYR A 107 -12.94 -30.15 12.29
CA TYR A 107 -11.55 -30.48 12.64
C TYR A 107 -11.59 -31.63 13.64
N LYS A 108 -11.27 -32.83 13.15
CA LYS A 108 -11.23 -34.06 13.95
C LYS A 108 -12.61 -34.36 14.55
N GLY A 109 -13.59 -34.50 13.65
CA GLY A 109 -14.93 -34.84 14.07
C GLY A 109 -15.77 -33.70 14.61
N GLU A 110 -15.17 -32.82 15.40
CA GLU A 110 -15.91 -31.69 15.97
C GLU A 110 -15.84 -30.50 15.04
N THR A 111 -16.82 -29.62 15.16
CA THR A 111 -16.90 -28.39 14.37
C THR A 111 -16.22 -27.25 15.12
N LYS A 112 -15.32 -26.55 14.43
CA LYS A 112 -14.52 -25.47 15.05
C LYS A 112 -14.67 -24.18 14.24
N SER A 113 -14.64 -23.05 14.94
CA SER A 113 -14.78 -21.72 14.29
C SER A 113 -13.52 -20.91 14.60
N PHE A 114 -12.99 -20.20 13.60
CA PHE A 114 -11.79 -19.38 13.86
C PHE A 114 -11.95 -17.97 13.31
N TYR A 115 -11.41 -17.00 14.03
CA TYR A 115 -11.40 -15.63 13.56
C TYR A 115 -10.30 -15.45 12.52
N PRO A 116 -10.47 -14.51 11.58
CA PRO A 116 -9.44 -14.32 10.53
C PRO A 116 -8.05 -14.12 11.09
N GLU A 117 -7.93 -13.49 12.27
CA GLU A 117 -6.64 -13.39 12.94
C GLU A 117 -6.05 -14.78 13.24
N GLU A 118 -6.90 -15.70 13.68
CA GLU A 118 -6.40 -17.03 14.04
C GLU A 118 -5.93 -17.78 12.81
N VAL A 119 -6.71 -17.73 11.73
CA VAL A 119 -6.30 -18.30 10.46
C VAL A 119 -4.94 -17.77 10.04
N SER A 120 -4.82 -16.45 9.99
CA SER A 120 -3.56 -15.88 9.54
C SER A 120 -2.43 -16.12 10.53
N SER A 121 -2.77 -16.34 11.81
CA SER A 121 -1.74 -16.66 12.78
C SER A 121 -1.13 -18.01 12.49
N MET A 122 -1.95 -18.96 12.06
CA MET A 122 -1.42 -20.26 11.65
C MET A 122 -0.49 -20.14 10.46
N VAL A 123 -0.75 -19.18 9.56
CA VAL A 123 0.16 -18.95 8.43
C VAL A 123 1.45 -18.29 8.92
N LEU A 124 1.35 -17.40 9.90
CA LEU A 124 2.55 -16.83 10.49
C LEU A 124 3.36 -17.91 11.24
N THR A 125 2.65 -18.86 11.87
CA THR A 125 3.28 -19.98 12.53
C THR A 125 4.13 -20.79 11.55
N LYS A 126 3.62 -21.02 10.34
CA LYS A 126 4.39 -21.76 9.33
C LYS A 126 5.60 -20.98 8.86
N MET A 127 5.42 -19.69 8.55
CA MET A 127 6.55 -18.85 8.17
C MET A 127 7.57 -18.76 9.28
N LYS A 128 7.11 -18.66 10.53
CA LYS A 128 8.03 -18.74 11.67
C LYS A 128 8.89 -20.00 11.60
N GLU A 129 8.23 -21.17 11.59
CA GLU A 129 8.96 -22.44 11.59
C GLU A 129 9.89 -22.56 10.39
N ILE A 130 9.47 -22.01 9.24
CA ILE A 130 10.28 -22.06 8.03
C ILE A 130 11.58 -21.27 8.23
N ALA A 131 11.49 -20.12 8.88
CA ALA A 131 12.70 -19.36 9.18
C ALA A 131 13.50 -20.03 10.30
N GLU A 132 12.82 -20.69 11.23
CA GLU A 132 13.54 -21.34 12.32
C GLU A 132 14.32 -22.54 11.80
N ALA A 133 13.75 -23.28 10.85
CA ALA A 133 14.48 -24.38 10.22
C ALA A 133 15.66 -23.88 9.41
N TYR A 134 15.52 -22.71 8.77
CA TYR A 134 16.62 -22.17 8.00
C TYR A 134 17.69 -21.57 8.90
N LEU A 135 17.28 -20.91 9.97
CA LEU A 135 18.20 -20.17 10.79
C LEU A 135 18.77 -20.99 11.93
N GLY A 136 18.20 -22.16 12.20
CA GLY A 136 18.65 -23.01 13.29
C GLY A 136 18.39 -22.47 14.68
N LYS A 137 17.61 -21.41 14.83
CA LYS A 137 17.33 -20.85 16.13
C LYS A 137 15.91 -20.35 16.16
N THR A 138 15.36 -20.27 17.38
CA THR A 138 14.04 -19.68 17.59
C THR A 138 14.04 -18.26 17.05
N VAL A 139 12.95 -17.89 16.38
CA VAL A 139 12.73 -16.56 15.86
C VAL A 139 11.50 -15.98 16.53
N THR A 140 11.64 -14.80 17.13
CA THR A 140 10.49 -14.15 17.77
C THR A 140 10.19 -12.80 17.15
N ASN A 141 11.21 -11.99 16.89
CA ASN A 141 10.98 -10.64 16.42
C ASN A 141 10.73 -10.62 14.92
N ALA A 142 9.69 -9.90 14.50
CA ALA A 142 9.30 -9.90 13.10
C ALA A 142 8.61 -8.60 12.74
N VAL A 143 8.90 -8.09 11.53
CA VAL A 143 8.10 -7.05 10.91
C VAL A 143 7.15 -7.72 9.93
N VAL A 144 5.88 -7.35 9.97
CA VAL A 144 4.89 -7.92 9.05
C VAL A 144 4.18 -6.79 8.31
N THR A 145 3.99 -6.99 7.00
CA THR A 145 3.48 -5.93 6.12
C THR A 145 1.97 -6.08 5.88
N VAL A 146 1.36 -4.97 5.49
CA VAL A 146 -0.08 -4.89 5.20
C VAL A 146 -0.31 -3.99 4.00
N PRO A 147 -1.45 -4.15 3.32
CA PRO A 147 -1.74 -3.22 2.22
C PRO A 147 -1.82 -1.78 2.72
N ALA A 148 -1.35 -0.84 1.90
CA ALA A 148 -1.33 0.55 2.35
C ALA A 148 -2.71 1.09 2.72
N TYR A 149 -3.78 0.49 2.17
CA TYR A 149 -5.16 0.99 2.41
C TYR A 149 -5.76 0.44 3.71
N PHE A 150 -5.02 -0.39 4.42
CA PHE A 150 -5.52 -0.99 5.68
C PHE A 150 -5.81 0.06 6.75
N ASN A 151 -6.95 -0.09 7.41
CA ASN A 151 -7.37 0.81 8.54
C ASN A 151 -6.71 0.30 9.82
N ASP A 152 -6.75 1.10 10.88
CA ASP A 152 -6.07 0.73 12.12
C ASP A 152 -6.63 -0.56 12.72
N SER A 153 -7.86 -0.91 12.36
CA SER A 153 -8.44 -2.16 12.83
C SER A 153 -7.87 -3.36 12.08
N GLN A 154 -7.56 -3.21 10.79
CA GLN A 154 -6.96 -4.30 10.04
C GLN A 154 -5.48 -4.48 10.36
N ARG A 155 -4.78 -3.38 10.62
CA ARG A 155 -3.37 -3.48 11.04
C ARG A 155 -3.30 -4.17 12.40
N GLN A 156 -4.16 -3.78 13.34
CA GLN A 156 -4.17 -4.38 14.70
C GLN A 156 -4.54 -5.85 14.58
N ALA A 157 -5.48 -6.20 13.72
CA ALA A 157 -5.87 -7.63 13.55
C ALA A 157 -4.68 -8.44 13.06
N THR A 158 -3.92 -7.89 12.11
CA THR A 158 -2.72 -8.55 11.55
C THR A 158 -1.68 -8.72 12.65
N LYS A 159 -1.51 -7.67 13.46
CA LYS A 159 -0.54 -7.72 14.59
C LYS A 159 -0.99 -8.80 15.58
N ASP A 160 -2.29 -8.89 15.83
CA ASP A 160 -2.86 -9.90 16.76
C ASP A 160 -2.53 -11.29 16.22
N ALA A 161 -2.66 -11.49 14.91
CA ALA A 161 -2.33 -12.82 14.33
C ALA A 161 -0.86 -13.13 14.63
N GLY A 162 0.01 -12.15 14.42
CA GLY A 162 1.44 -12.40 14.71
C GLY A 162 1.68 -12.70 16.18
N THR A 163 1.06 -11.96 17.08
CA THR A 163 1.24 -12.16 18.54
C THR A 163 0.73 -13.54 18.95
N ILE A 164 -0.38 -13.97 18.36
CA ILE A 164 -0.96 -15.31 18.69
C ILE A 164 0.07 -16.36 18.28
N ALA A 165 0.74 -16.10 17.15
CA ALA A 165 1.72 -16.99 16.55
C ALA A 165 2.99 -17.10 17.35
N GLY A 166 3.15 -16.35 18.43
CA GLY A 166 4.38 -16.31 19.17
C GLY A 166 5.37 -15.29 18.67
N LEU A 167 4.94 -14.34 17.86
CA LEU A 167 5.81 -13.35 17.25
C LEU A 167 5.67 -12.03 17.97
N ASN A 168 6.80 -11.38 18.21
CA ASN A 168 6.83 -10.01 18.69
C ASN A 168 6.88 -9.13 17.46
N VAL A 169 5.76 -8.46 17.17
CA VAL A 169 5.69 -7.62 15.94
C VAL A 169 6.35 -6.29 16.24
N LEU A 170 7.57 -6.09 15.73
CA LEU A 170 8.32 -4.84 15.98
C LEU A 170 7.59 -3.66 15.35
N ARG A 171 7.09 -3.83 14.13
CA ARG A 171 6.32 -2.73 13.49
C ARG A 171 5.46 -3.28 12.36
N ILE A 172 4.39 -2.56 12.03
CA ILE A 172 3.52 -2.95 10.88
C ILE A 172 3.76 -1.91 9.80
N ILE A 173 4.26 -2.33 8.64
CA ILE A 173 4.55 -1.36 7.56
C ILE A 173 3.76 -1.74 6.32
N ASN A 174 3.50 -0.74 5.47
CA ASN A 174 2.75 -0.92 4.24
C ASN A 174 3.55 -1.72 3.22
N GLU A 175 2.84 -2.51 2.44
CA GLU A 175 3.51 -3.31 1.42
C GLU A 175 4.23 -2.44 0.40
N PRO A 176 3.63 -1.36 -0.13
CA PRO A 176 4.38 -0.52 -1.10
C PRO A 176 5.65 0.10 -0.52
N THR A 177 5.66 0.47 0.78
CA THR A 177 6.86 1.03 1.39
C THR A 177 7.98 -0.01 1.54
N ALA A 178 7.65 -1.23 1.99
CA ALA A 178 8.64 -2.31 2.05
C ALA A 178 9.26 -2.56 0.70
N ALA A 179 8.42 -2.56 -0.36
CA ALA A 179 8.89 -2.75 -1.73
C ALA A 179 9.87 -1.66 -2.14
N ALA A 180 9.60 -0.40 -1.73
CA ALA A 180 10.54 0.69 -2.01
C ALA A 180 11.82 0.55 -1.20
N ILE A 181 11.69 0.15 0.07
CA ILE A 181 12.85 -0.16 0.90
C ILE A 181 13.74 -1.19 0.19
N ALA A 182 13.17 -2.34 -0.16
CA ALA A 182 13.86 -3.40 -0.90
C ALA A 182 14.76 -2.86 -2.00
N TYR A 183 14.26 -1.88 -2.77
CA TYR A 183 14.98 -1.27 -3.88
C TYR A 183 15.80 -0.06 -3.46
N GLY A 184 15.91 0.21 -2.17
CA GLY A 184 16.74 1.31 -1.70
C GLY A 184 16.37 2.68 -2.22
N LEU A 185 15.07 2.90 -2.50
CA LEU A 185 14.69 4.20 -3.02
C LEU A 185 14.75 5.30 -1.95
N ASP A 186 14.79 4.93 -0.68
CA ASP A 186 14.97 5.91 0.37
C ASP A 186 16.41 6.36 0.55
N LYS A 187 17.37 5.74 -0.14
CA LYS A 187 18.78 6.10 -0.04
C LYS A 187 19.26 6.75 -1.33
N LYS A 188 18.36 7.30 -2.11
CA LYS A 188 18.73 8.02 -3.31
C LYS A 188 18.67 9.51 -3.04
N VAL A 189 19.78 10.21 -3.31
CA VAL A 189 19.91 11.61 -2.98
C VAL A 189 19.06 12.45 -3.92
N GLY A 190 19.05 13.76 -3.73
CA GLY A 190 18.18 14.65 -4.48
C GLY A 190 16.97 15.06 -3.66
N ALA A 191 16.12 15.83 -4.32
CA ALA A 191 14.90 16.34 -3.69
C ALA A 191 13.97 15.15 -3.43
N GLU A 192 12.71 15.46 -3.10
CA GLU A 192 11.73 14.41 -2.92
C GLU A 192 11.65 13.53 -4.18
N ARG A 193 11.12 12.33 -4.01
CA ARG A 193 10.88 11.44 -5.14
C ARG A 193 9.49 10.86 -5.02
N ASN A 194 8.78 10.80 -6.15
CA ASN A 194 7.50 10.14 -6.21
C ASN A 194 7.69 8.75 -6.81
N VAL A 195 7.22 7.73 -6.08
CA VAL A 195 7.36 6.33 -6.48
C VAL A 195 5.96 5.77 -6.72
N LEU A 196 5.83 5.05 -7.82
CA LEU A 196 4.56 4.35 -8.08
C LEU A 196 4.82 2.85 -7.88
N ILE A 197 4.01 2.22 -7.03
CA ILE A 197 4.17 0.76 -6.81
C ILE A 197 3.03 0.07 -7.56
N PHE A 198 3.39 -0.71 -8.56
CA PHE A 198 2.41 -1.46 -9.38
C PHE A 198 2.44 -2.88 -8.84
N ASP A 199 1.43 -3.27 -8.06
CA ASP A 199 1.48 -4.56 -7.38
C ASP A 199 0.35 -5.47 -7.86
N LEU A 200 0.69 -6.42 -8.73
CA LEU A 200 -0.30 -7.34 -9.32
C LEU A 200 0.01 -8.79 -8.92
N GLY A 201 -0.71 -9.28 -7.92
CA GLY A 201 -0.55 -10.63 -7.35
C GLY A 201 -1.44 -11.64 -8.04
N GLY A 202 -1.59 -12.82 -7.46
CA GLY A 202 -2.45 -13.87 -7.98
C GLY A 202 -3.91 -13.47 -7.95
N GLY A 203 -4.32 -12.71 -6.94
CA GLY A 203 -5.74 -12.30 -6.83
C GLY A 203 -5.98 -10.82 -6.61
N THR A 204 -4.97 -10.01 -6.32
CA THR A 204 -5.24 -8.58 -6.04
C THR A 204 -4.36 -7.65 -6.85
N PHE A 205 -4.86 -6.45 -7.11
CA PHE A 205 -4.11 -5.41 -7.84
C PHE A 205 -4.13 -4.13 -7.01
N ASP A 206 -2.96 -3.56 -6.74
CA ASP A 206 -2.83 -2.38 -5.92
C ASP A 206 -1.83 -1.43 -6.54
N VAL A 207 -2.24 -0.17 -6.74
CA VAL A 207 -1.34 0.89 -7.17
C VAL A 207 -1.19 1.88 -6.03
N SER A 208 0.05 2.23 -5.72
CA SER A 208 0.34 3.11 -4.60
C SER A 208 1.39 4.13 -5.03
N ILE A 209 1.17 5.38 -4.66
CA ILE A 209 2.09 6.47 -4.97
C ILE A 209 2.67 7.00 -3.66
N LEU A 210 4.02 7.05 -3.60
CA LEU A 210 4.69 7.48 -2.36
C LEU A 210 5.69 8.61 -2.67
N THR A 211 5.99 9.41 -1.68
CA THR A 211 7.01 10.50 -1.86
C THR A 211 8.15 10.15 -0.87
N ILE A 212 9.43 10.13 -1.31
CA ILE A 212 10.51 9.77 -0.35
C ILE A 212 11.61 10.88 -0.34
N ALA A 213 11.67 11.59 0.79
CA ALA A 213 12.67 12.64 1.03
C ALA A 213 13.30 12.43 2.42
N ALA A 214 14.62 12.44 2.51
CA ALA A 214 15.28 12.29 3.81
C ALA A 214 14.85 10.99 4.53
N GLY A 215 14.68 9.91 3.77
CA GLY A 215 14.25 8.59 4.30
C GLY A 215 12.86 8.51 4.89
N ILE A 216 12.00 9.42 4.57
CA ILE A 216 10.59 9.40 5.14
C ILE A 216 9.63 9.14 3.98
N PHE A 217 8.57 8.18 4.23
CA PHE A 217 7.60 7.82 3.16
C PHE A 217 6.20 8.32 3.50
N GLU A 218 5.56 8.99 2.54
CA GLU A 218 4.16 9.42 2.69
C GLU A 218 3.38 8.70 1.59
N VAL A 219 2.29 8.03 1.92
CA VAL A 219 1.55 7.42 0.77
C VAL A 219 0.50 8.44 0.33
N LYS A 220 0.75 9.03 -0.83
CA LYS A 220 -0.12 10.05 -1.45
C LYS A 220 -1.43 9.46 -1.96
N SER A 221 -1.41 8.27 -2.56
CA SER A 221 -2.64 7.74 -3.16
C SER A 221 -2.57 6.22 -3.18
N THR A 222 -3.74 5.60 -3.16
CA THR A 222 -3.86 4.16 -3.45
C THR A 222 -5.06 3.94 -4.34
N ALA A 223 -4.88 3.14 -5.39
CA ALA A 223 -5.96 2.62 -6.22
C ALA A 223 -5.67 1.18 -6.54
N GLY A 224 -6.69 0.48 -7.02
CA GLY A 224 -6.50 -0.86 -7.52
C GLY A 224 -7.82 -1.57 -7.70
N ASP A 225 -7.73 -2.90 -7.73
CA ASP A 225 -8.87 -3.80 -7.94
C ASP A 225 -8.60 -5.03 -7.06
N THR A 226 -9.36 -5.18 -5.97
CA THR A 226 -9.09 -6.29 -5.05
C THR A 226 -9.45 -7.66 -5.61
N HIS A 227 -10.06 -7.74 -6.80
CA HIS A 227 -10.50 -9.02 -7.33
C HIS A 227 -9.93 -9.27 -8.72
N LEU A 228 -8.75 -8.73 -8.99
CA LEU A 228 -8.05 -8.95 -10.26
C LEU A 228 -6.65 -9.49 -9.99
N GLY A 229 -6.32 -10.63 -10.58
CA GLY A 229 -4.97 -11.15 -10.47
C GLY A 229 -4.69 -12.21 -11.51
N GLY A 230 -3.49 -12.80 -11.41
CA GLY A 230 -3.07 -13.82 -12.38
C GLY A 230 -4.04 -14.97 -12.57
N GLU A 231 -4.82 -15.28 -11.55
CA GLU A 231 -5.83 -16.37 -11.60
C GLU A 231 -6.88 -16.03 -12.68
N ASP A 232 -7.24 -14.75 -12.78
CA ASP A 232 -8.22 -14.25 -13.78
C ASP A 232 -7.68 -14.48 -15.19
N PHE A 233 -6.40 -14.26 -15.38
CA PHE A 233 -5.74 -14.53 -16.68
C PHE A 233 -5.80 -16.03 -16.94
N ASP A 234 -5.62 -16.84 -15.90
CA ASP A 234 -5.69 -18.32 -16.05
C ASP A 234 -7.09 -18.72 -16.48
N ASN A 235 -8.08 -18.06 -15.88
CA ASN A 235 -9.52 -18.34 -16.09
C ASN A 235 -9.87 -18.07 -17.55
N ARG A 236 -9.33 -16.99 -18.13
CA ARG A 236 -9.55 -16.68 -19.55
C ARG A 236 -8.97 -17.82 -20.40
N MET A 237 -7.77 -18.28 -20.09
CA MET A 237 -7.19 -19.41 -20.83
C MET A 237 -8.06 -20.65 -20.74
N VAL A 238 -8.60 -20.92 -19.55
CA VAL A 238 -9.40 -22.12 -19.30
C VAL A 238 -10.66 -22.11 -20.17
N ASN A 239 -11.38 -20.99 -20.19
CA ASN A 239 -12.60 -20.88 -21.00
C ASN A 239 -12.29 -20.98 -22.49
N HIS A 240 -11.20 -20.35 -22.93
CA HIS A 240 -10.81 -20.47 -24.33
C HIS A 240 -10.65 -21.92 -24.71
N PHE A 241 -9.86 -22.66 -23.93
CA PHE A 241 -9.58 -24.06 -24.28
C PHE A 241 -10.81 -24.94 -24.13
N ILE A 242 -11.72 -24.62 -23.21
CA ILE A 242 -12.97 -25.36 -23.07
C ILE A 242 -13.80 -25.22 -24.33
N ALA A 243 -13.84 -24.02 -24.91
CA ALA A 243 -14.56 -23.81 -26.16
C ALA A 243 -13.79 -24.40 -27.33
N GLU A 244 -12.46 -24.39 -27.23
CA GLU A 244 -11.59 -25.02 -28.24
C GLU A 244 -11.86 -26.53 -28.23
N PHE A 245 -12.12 -27.11 -27.05
CA PHE A 245 -12.47 -28.53 -27.00
C PHE A 245 -13.87 -28.76 -27.51
N LYS A 246 -14.80 -27.86 -27.20
CA LYS A 246 -16.17 -28.02 -27.67
C LYS A 246 -16.24 -27.85 -29.18
N ARG A 247 -15.48 -26.91 -29.72
CA ARG A 247 -15.46 -26.67 -31.19
C ARG A 247 -14.85 -27.86 -31.95
N LYS A 248 -13.75 -28.41 -31.45
CA LYS A 248 -13.01 -29.51 -32.14
C LYS A 248 -13.40 -30.92 -31.69
N HIS A 249 -14.22 -31.07 -30.64
CA HIS A 249 -14.64 -32.42 -30.14
C HIS A 249 -16.13 -32.51 -29.82
N LYS A 250 -16.89 -31.43 -30.01
CA LYS A 250 -18.36 -31.43 -29.75
C LYS A 250 -18.63 -32.00 -28.35
N LYS A 251 -17.71 -31.75 -27.42
CA LYS A 251 -17.81 -32.15 -26.01
C LYS A 251 -17.52 -30.96 -25.11
N ASP A 252 -18.44 -30.68 -24.18
CA ASP A 252 -18.23 -29.70 -23.12
C ASP A 252 -17.68 -30.41 -21.85
N ILE A 253 -16.38 -30.20 -21.58
CA ILE A 253 -15.70 -30.85 -20.45
C ILE A 253 -16.02 -30.24 -19.09
N SER A 254 -16.79 -29.15 -19.05
CA SER A 254 -16.87 -28.37 -17.82
C SER A 254 -17.67 -29.07 -16.73
N GLU A 255 -18.54 -30.02 -17.08
CA GLU A 255 -19.26 -30.75 -16.05
C GLU A 255 -18.44 -31.88 -15.45
N ASN A 256 -17.18 -32.06 -15.87
CA ASN A 256 -16.27 -32.96 -15.20
C ASN A 256 -15.25 -32.12 -14.43
N LYS A 257 -15.35 -32.16 -13.10
CA LYS A 257 -14.54 -31.33 -12.18
C LYS A 257 -13.04 -31.61 -12.30
N ARG A 258 -12.64 -32.88 -12.32
CA ARG A 258 -11.19 -33.21 -12.43
C ARG A 258 -10.63 -32.73 -13.77
N ALA A 259 -11.42 -32.84 -14.84
CA ALA A 259 -11.01 -32.42 -16.19
C ALA A 259 -10.71 -30.92 -16.22
N VAL A 260 -11.54 -30.13 -15.54
CA VAL A 260 -11.34 -28.69 -15.53
C VAL A 260 -10.10 -28.33 -14.74
N ARG A 261 -9.90 -28.98 -13.60
CA ARG A 261 -8.72 -28.75 -12.78
C ARG A 261 -7.44 -29.00 -13.57
N ARG A 262 -7.35 -30.15 -14.24
CA ARG A 262 -6.17 -30.47 -15.03
C ARG A 262 -5.93 -29.43 -16.11
N LEU A 263 -7.02 -28.91 -16.68
CA LEU A 263 -6.92 -27.83 -17.66
C LEU A 263 -6.39 -26.56 -17.03
N ARG A 264 -6.97 -26.15 -15.89
CA ARG A 264 -6.51 -24.97 -15.17
C ARG A 264 -5.02 -25.09 -14.85
N THR A 265 -4.60 -26.28 -14.45
CA THR A 265 -3.20 -26.52 -14.09
C THR A 265 -2.29 -26.41 -15.30
N ALA A 266 -2.70 -27.00 -16.42
CA ALA A 266 -2.01 -26.76 -17.68
C ALA A 266 -1.95 -25.28 -18.02
N CYS A 267 -3.03 -24.53 -17.75
CA CYS A 267 -3.06 -23.15 -18.21
C CYS A 267 -2.09 -22.28 -17.43
N GLU A 268 -1.99 -22.47 -16.10
CA GLU A 268 -1.03 -21.71 -15.29
C GLU A 268 0.39 -21.98 -15.73
N ARG A 269 0.71 -23.24 -16.04
CA ARG A 269 2.01 -23.58 -16.56
C ARG A 269 2.32 -22.80 -17.84
N ALA A 270 1.37 -22.79 -18.81
CA ALA A 270 1.61 -22.14 -20.10
C ALA A 270 1.75 -20.63 -19.95
N LYS A 271 0.97 -20.04 -19.04
CA LYS A 271 1.11 -18.61 -18.78
C LYS A 271 2.50 -18.27 -18.26
N ARG A 272 3.10 -19.17 -17.47
CA ARG A 272 4.50 -18.98 -17.08
C ARG A 272 5.42 -19.07 -18.30
N THR A 273 5.16 -20.04 -19.18
CA THR A 273 5.97 -20.14 -20.38
C THR A 273 5.82 -18.90 -21.25
N LEU A 274 4.58 -18.38 -21.38
CA LEU A 274 4.38 -17.20 -22.23
C LEU A 274 4.97 -15.90 -21.64
N SER A 275 5.66 -15.96 -20.51
CA SER A 275 6.47 -14.82 -20.11
C SER A 275 7.89 -14.91 -20.63
N SER A 276 8.33 -16.07 -21.08
CA SER A 276 9.64 -16.14 -21.71
C SER A 276 9.61 -16.73 -23.13
N SER A 277 8.48 -17.24 -23.59
CA SER A 277 8.34 -17.76 -24.94
C SER A 277 7.08 -17.20 -25.57
N THR A 278 7.06 -17.25 -26.90
CA THR A 278 5.97 -16.73 -27.71
C THR A 278 4.88 -17.74 -27.97
N GLN A 279 5.05 -18.96 -27.48
CA GLN A 279 4.12 -20.05 -27.72
C GLN A 279 4.29 -21.01 -26.55
N ALA A 280 3.22 -21.74 -26.26
CA ALA A 280 3.23 -22.67 -25.14
C ALA A 280 2.31 -23.81 -25.53
N SER A 281 2.64 -24.99 -25.05
CA SER A 281 1.97 -26.22 -25.46
C SER A 281 0.95 -26.61 -24.42
N ILE A 282 -0.08 -27.32 -24.85
CA ILE A 282 -1.02 -27.94 -23.93
C ILE A 282 -1.06 -29.43 -24.26
N GLU A 283 -0.51 -30.25 -23.38
CA GLU A 283 -0.41 -31.71 -23.59
C GLU A 283 -1.13 -32.37 -22.44
N ILE A 284 -2.39 -32.77 -22.67
CA ILE A 284 -3.23 -33.36 -21.63
C ILE A 284 -3.80 -34.69 -22.16
N ASP A 285 -3.44 -35.79 -21.50
CA ASP A 285 -3.90 -37.11 -21.91
C ASP A 285 -5.31 -37.37 -21.42
N SER A 286 -6.20 -37.78 -22.33
CA SER A 286 -7.50 -38.32 -21.95
C SER A 286 -8.32 -37.30 -21.14
N LEU A 287 -8.39 -36.08 -21.63
CA LEU A 287 -8.92 -35.01 -20.79
C LEU A 287 -10.42 -35.18 -20.57
N TYR A 288 -11.18 -35.53 -21.62
CA TYR A 288 -12.60 -35.80 -21.45
C TYR A 288 -13.03 -36.90 -22.41
N GLU A 289 -13.75 -37.89 -21.88
CA GLU A 289 -14.35 -39.02 -22.64
C GLU A 289 -13.29 -39.71 -23.49
N GLY A 290 -12.06 -39.82 -22.98
CA GLY A 290 -10.93 -40.50 -23.63
C GLY A 290 -10.21 -39.66 -24.67
N ILE A 291 -10.69 -38.46 -24.96
CA ILE A 291 -10.07 -37.64 -26.02
C ILE A 291 -8.82 -36.99 -25.46
N ASP A 292 -7.71 -37.10 -26.16
CA ASP A 292 -6.49 -36.39 -25.71
C ASP A 292 -6.61 -34.92 -26.13
N PHE A 293 -6.02 -34.00 -25.38
CA PHE A 293 -6.08 -32.59 -25.81
C PHE A 293 -4.64 -32.09 -25.97
N TYR A 294 -4.16 -32.07 -27.21
CA TYR A 294 -2.82 -31.62 -27.50
C TYR A 294 -2.89 -30.40 -28.42
N THR A 295 -2.47 -29.24 -27.92
CA THR A 295 -2.63 -28.02 -28.69
C THR A 295 -1.63 -26.98 -28.20
N SER A 296 -1.83 -25.73 -28.63
CA SER A 296 -0.87 -24.66 -28.40
C SER A 296 -1.59 -23.33 -28.27
N ILE A 297 -0.93 -22.39 -27.62
CA ILE A 297 -1.46 -21.04 -27.51
C ILE A 297 -0.28 -20.08 -27.63
N THR A 298 -0.38 -19.14 -28.55
CA THR A 298 0.63 -18.11 -28.72
C THR A 298 0.45 -17.01 -27.67
N ARG A 299 1.54 -16.32 -27.35
CA ARG A 299 1.43 -15.15 -26.50
C ARG A 299 0.45 -14.13 -27.08
N ALA A 300 0.38 -14.04 -28.41
CA ALA A 300 -0.56 -13.11 -29.02
C ALA A 300 -2.00 -13.47 -28.68
N ARG A 301 -2.37 -14.74 -28.75
N ARG A 301 -2.35 -14.75 -28.76
CA ARG A 301 -3.72 -15.24 -28.39
CA ARG A 301 -3.72 -15.21 -28.40
C ARG A 301 -3.97 -15.06 -26.91
C ARG A 301 -3.95 -14.99 -26.90
N PHE A 302 -2.92 -15.25 -26.09
CA PHE A 302 -3.00 -15.06 -24.63
C PHE A 302 -3.28 -13.59 -24.34
N GLU A 303 -2.56 -12.69 -25.02
CA GLU A 303 -2.76 -11.23 -24.82
C GLU A 303 -4.19 -10.86 -25.24
N GLU A 304 -4.71 -11.45 -26.32
CA GLU A 304 -6.07 -11.15 -26.81
C GLU A 304 -7.12 -11.60 -25.78
N LEU A 305 -6.91 -12.73 -25.11
CA LEU A 305 -7.88 -13.24 -24.11
C LEU A 305 -7.94 -12.34 -22.88
N ASN A 306 -6.88 -11.60 -22.62
CA ASN A 306 -6.78 -10.70 -21.45
C ASN A 306 -6.56 -9.26 -21.89
N ALA A 307 -7.11 -8.86 -23.03
CA ALA A 307 -6.89 -7.48 -23.52
C ALA A 307 -7.54 -6.44 -22.62
N ASP A 308 -8.77 -6.67 -22.21
CA ASP A 308 -9.50 -5.75 -21.32
C ASP A 308 -8.86 -5.69 -19.95
N LEU A 309 -8.39 -6.82 -19.45
CA LEU A 309 -7.75 -6.97 -18.13
C LEU A 309 -6.39 -6.31 -18.13
N PHE A 310 -5.62 -6.48 -19.18
CA PHE A 310 -4.27 -5.89 -19.21
C PHE A 310 -4.30 -4.36 -19.34
N ARG A 311 -5.11 -3.85 -20.27
CA ARG A 311 -5.23 -2.40 -20.52
C ARG A 311 -5.94 -1.72 -19.35
N GLY A 312 -6.80 -2.46 -18.67
CA GLY A 312 -7.58 -2.02 -17.51
C GLY A 312 -6.75 -1.62 -16.33
N THR A 313 -5.52 -2.15 -16.19
CA THR A 313 -4.61 -1.85 -15.09
C THR A 313 -4.10 -0.41 -15.12
N LEU A 314 -4.12 0.23 -16.28
CA LEU A 314 -3.71 1.63 -16.46
C LEU A 314 -4.74 2.57 -15.81
N ASP A 315 -5.98 2.16 -15.64
CA ASP A 315 -7.00 3.01 -15.00
C ASP A 315 -6.67 3.29 -13.53
N PRO A 316 -6.34 2.30 -12.69
CA PRO A 316 -5.92 2.55 -11.32
C PRO A 316 -4.62 3.35 -11.31
N VAL A 317 -3.80 3.18 -12.32
CA VAL A 317 -2.62 4.02 -12.45
C VAL A 317 -3.00 5.49 -12.63
N GLU A 318 -4.06 5.75 -13.43
CA GLU A 318 -4.49 7.11 -13.72
C GLU A 318 -5.25 7.71 -12.55
N LYS A 319 -6.09 6.92 -11.88
CA LYS A 319 -6.76 7.39 -10.68
C LYS A 319 -5.75 7.82 -9.62
N ALA A 320 -4.68 7.05 -9.44
CA ALA A 320 -3.75 7.34 -8.34
C ALA A 320 -2.94 8.60 -8.64
N LEU A 321 -2.52 8.77 -9.89
CA LEU A 321 -1.86 10.01 -10.28
C LEU A 321 -2.77 11.21 -10.07
N ARG A 322 -4.05 11.03 -10.38
CA ARG A 322 -5.06 12.04 -10.11
C ARG A 322 -5.13 12.36 -8.62
N ASP A 323 -5.46 11.37 -7.79
CA ASP A 323 -5.64 11.58 -6.36
C ASP A 323 -4.38 12.13 -5.70
N ALA A 324 -3.22 11.84 -6.25
CA ALA A 324 -1.97 12.38 -5.73
C ALA A 324 -1.61 13.72 -6.37
N LYS A 325 -2.46 14.21 -7.27
CA LYS A 325 -2.27 15.49 -7.97
C LYS A 325 -0.88 15.55 -8.60
N LEU A 326 -0.56 14.51 -9.37
CA LEU A 326 0.71 14.42 -10.08
C LEU A 326 0.44 14.06 -11.53
N ASP A 327 1.30 14.59 -12.40
CA ASP A 327 1.36 14.15 -13.78
C ASP A 327 2.29 12.95 -13.90
N LYS A 328 1.95 12.03 -14.82
CA LYS A 328 2.79 10.85 -14.99
C LYS A 328 4.23 11.22 -15.26
N SER A 329 4.49 12.45 -15.73
CA SER A 329 5.84 12.92 -15.93
C SER A 329 6.56 13.18 -14.62
N GLN A 330 5.83 13.23 -13.50
CA GLN A 330 6.41 13.52 -12.19
C GLN A 330 6.77 12.26 -11.39
N ILE A 331 6.47 11.07 -11.88
CA ILE A 331 6.94 9.86 -11.21
C ILE A 331 8.45 9.73 -11.46
N HIS A 332 9.21 9.41 -10.41
CA HIS A 332 10.65 9.20 -10.55
C HIS A 332 11.05 7.74 -10.58
N ASP A 333 10.24 6.85 -10.00
CA ASP A 333 10.55 5.43 -9.92
C ASP A 333 9.25 4.64 -10.02
N ILE A 334 9.28 3.57 -10.81
CA ILE A 334 8.19 2.59 -10.85
C ILE A 334 8.75 1.25 -10.36
N VAL A 335 8.07 0.64 -9.40
CA VAL A 335 8.44 -0.65 -8.83
C VAL A 335 7.41 -1.70 -9.25
N LEU A 336 7.86 -2.76 -9.93
CA LEU A 336 7.01 -3.91 -10.25
C LEU A 336 7.01 -4.93 -9.12
N VAL A 337 5.81 -5.26 -8.63
CA VAL A 337 5.64 -6.17 -7.51
C VAL A 337 4.54 -7.17 -7.85
N GLY A 338 4.77 -8.43 -7.51
CA GLY A 338 3.79 -9.46 -7.81
C GLY A 338 4.20 -10.24 -9.04
N GLY A 339 3.88 -11.53 -9.03
CA GLY A 339 4.34 -12.41 -10.08
C GLY A 339 3.69 -12.15 -11.41
N SER A 340 2.48 -11.62 -11.41
CA SER A 340 1.86 -11.28 -12.68
C SER A 340 2.47 -10.06 -13.36
N THR A 341 3.30 -9.30 -12.64
CA THR A 341 4.03 -8.24 -13.33
C THR A 341 5.15 -8.78 -14.24
N ARG A 342 5.38 -10.09 -14.27
CA ARG A 342 6.34 -10.63 -15.22
C ARG A 342 5.74 -10.74 -16.61
N ILE A 343 4.43 -10.62 -16.74
CA ILE A 343 3.78 -10.84 -18.03
C ILE A 343 4.29 -9.75 -18.97
N PRO A 344 4.93 -10.12 -20.07
CA PRO A 344 5.49 -9.11 -20.99
C PRO A 344 4.53 -8.02 -21.39
N LYS A 345 3.23 -8.31 -21.55
CA LYS A 345 2.31 -7.26 -21.96
C LYS A 345 2.05 -6.24 -20.86
N ILE A 346 1.88 -6.72 -19.62
CA ILE A 346 1.79 -5.83 -18.47
C ILE A 346 2.98 -4.88 -18.44
N GLN A 347 4.19 -5.39 -18.66
CA GLN A 347 5.36 -4.53 -18.57
C GLN A 347 5.35 -3.45 -19.65
N LYS A 348 4.96 -3.82 -20.88
CA LYS A 348 4.99 -2.88 -22.00
C LYS A 348 3.91 -1.81 -21.87
N LEU A 349 2.69 -2.20 -21.51
CA LEU A 349 1.62 -1.24 -21.24
C LEU A 349 2.08 -0.16 -20.28
N LEU A 350 2.51 -0.56 -19.09
CA LEU A 350 3.00 0.40 -18.11
C LEU A 350 4.15 1.22 -18.68
N GLN A 351 5.10 0.57 -19.35
CA GLN A 351 6.24 1.30 -19.90
C GLN A 351 5.81 2.25 -21.02
N ASP A 352 4.89 1.83 -21.88
CA ASP A 352 4.42 2.75 -22.90
C ASP A 352 3.69 3.93 -22.27
N PHE A 353 2.86 3.66 -21.26
CA PHE A 353 2.13 4.74 -20.60
C PHE A 353 3.08 5.75 -19.97
N PHE A 354 4.27 5.32 -19.55
CA PHE A 354 5.23 6.21 -18.93
C PHE A 354 6.34 6.63 -19.88
N ASN A 355 6.05 6.62 -21.19
CA ASN A 355 6.92 7.21 -22.22
C ASN A 355 8.32 6.62 -22.18
N GLY A 356 8.40 5.31 -21.98
CA GLY A 356 9.64 4.58 -22.13
C GLY A 356 10.43 4.42 -20.85
N LYS A 357 9.99 5.02 -19.75
CA LYS A 357 10.71 4.95 -18.48
C LYS A 357 11.03 3.50 -18.09
N GLU A 358 12.28 3.27 -17.69
CA GLU A 358 12.67 1.96 -17.22
C GLU A 358 11.89 1.60 -15.96
N LEU A 359 11.74 0.29 -15.73
CA LEU A 359 10.97 -0.24 -14.63
C LEU A 359 11.90 -0.91 -13.63
N ASN A 360 11.71 -0.62 -12.34
CA ASN A 360 12.45 -1.31 -11.28
C ASN A 360 11.84 -2.68 -11.06
N LYS A 361 12.60 -3.72 -11.45
CA LYS A 361 12.10 -5.09 -11.52
C LYS A 361 13.20 -6.13 -11.37
N SER A 362 14.37 -5.76 -10.84
CA SER A 362 15.48 -6.69 -10.77
C SER A 362 15.41 -7.62 -9.56
N ILE A 363 14.64 -7.26 -8.51
CA ILE A 363 14.31 -8.16 -7.41
C ILE A 363 13.11 -9.01 -7.81
N ASN A 364 13.13 -10.30 -7.41
CA ASN A 364 12.01 -11.18 -7.69
C ASN A 364 10.74 -10.51 -7.19
N PRO A 365 9.83 -10.12 -8.09
CA PRO A 365 8.65 -9.33 -7.69
C PRO A 365 7.73 -10.07 -6.74
N ASP A 366 7.81 -11.40 -6.72
CA ASP A 366 7.17 -12.24 -5.71
C ASP A 366 7.76 -12.01 -4.33
N GLU A 367 9.02 -11.60 -4.27
CA GLU A 367 9.76 -11.61 -3.03
C GLU A 367 10.04 -10.23 -2.49
N ALA A 368 9.83 -9.19 -3.31
CA ALA A 368 10.42 -7.92 -2.96
C ALA A 368 9.80 -7.35 -1.71
N VAL A 369 8.55 -7.67 -1.42
CA VAL A 369 7.89 -7.11 -0.25
C VAL A 369 8.48 -7.71 1.02
N ALA A 370 8.58 -9.04 1.07
CA ALA A 370 9.26 -9.67 2.20
C ALA A 370 10.70 -9.18 2.32
N TYR A 371 11.35 -8.88 1.20
CA TYR A 371 12.75 -8.45 1.21
C TYR A 371 12.88 -7.09 1.88
N GLY A 372 12.04 -6.13 1.47
CA GLY A 372 12.01 -4.85 2.15
C GLY A 372 11.62 -5.02 3.61
N ALA A 373 10.59 -5.82 3.88
CA ALA A 373 10.23 -6.12 5.26
C ALA A 373 11.41 -6.68 6.04
N ALA A 374 12.34 -7.39 5.38
CA ALA A 374 13.50 -7.90 6.10
C ALA A 374 14.53 -6.80 6.34
N VAL A 375 14.69 -5.90 5.36
CA VAL A 375 15.57 -4.76 5.58
C VAL A 375 15.08 -3.92 6.76
N GLN A 376 13.77 -3.79 6.91
CA GLN A 376 13.27 -3.02 8.03
C GLN A 376 13.42 -3.78 9.35
N ALA A 377 13.23 -5.10 9.34
CA ALA A 377 13.36 -5.88 10.57
C ALA A 377 14.77 -5.74 11.15
N ALA A 378 15.79 -5.96 10.33
CA ALA A 378 17.16 -5.82 10.81
C ALA A 378 17.45 -4.41 11.29
N ILE A 379 16.83 -3.41 10.66
CA ILE A 379 17.05 -2.04 11.08
C ILE A 379 16.45 -1.83 12.47
N LEU A 380 15.19 -2.21 12.67
CA LEU A 380 14.63 -2.09 14.01
C LEU A 380 15.25 -3.09 14.97
N SER A 381 16.01 -4.06 14.47
CA SER A 381 16.63 -5.09 15.32
C SER A 381 18.08 -4.78 15.68
N GLY A 382 18.80 -4.05 14.84
CA GLY A 382 20.18 -3.70 15.10
C GLY A 382 21.11 -3.84 13.91
N ASP A 395 20.47 19.54 2.87
CA ASP A 395 19.33 18.93 3.59
C ASP A 395 18.04 19.70 3.27
N VAL A 396 16.91 19.26 3.84
CA VAL A 396 15.58 19.88 3.55
C VAL A 396 14.84 20.14 4.86
N THR A 397 13.73 20.88 4.79
CA THR A 397 12.89 21.18 5.97
C THR A 397 12.20 19.89 6.42
N PRO A 398 12.21 19.54 7.73
CA PRO A 398 11.58 18.32 8.21
C PRO A 398 10.05 18.34 8.09
N LEU A 399 9.44 19.49 8.37
CA LEU A 399 7.97 19.65 8.31
C LEU A 399 7.60 20.91 7.56
N SER A 400 6.37 20.93 7.02
CA SER A 400 5.83 22.08 6.30
C SER A 400 5.60 23.24 7.26
N LEU A 401 5.64 24.46 6.69
CA LEU A 401 5.54 25.69 7.45
C LEU A 401 4.48 26.59 6.86
N GLY A 402 3.68 27.22 7.72
CA GLY A 402 2.54 27.95 7.24
C GLY A 402 1.92 28.77 8.35
N ILE A 403 0.77 29.39 8.04
CA ILE A 403 0.08 30.25 9.00
C ILE A 403 -1.39 29.90 9.03
N GLU A 404 -2.03 30.28 10.13
CA GLU A 404 -3.46 30.11 10.31
C GLU A 404 -4.24 31.13 9.48
N THR A 405 -5.06 30.65 8.56
CA THR A 405 -6.03 31.51 7.92
C THR A 405 -7.39 31.32 8.58
N ALA A 406 -8.35 32.14 8.17
CA ALA A 406 -9.69 32.12 8.75
C ALA A 406 -10.19 30.68 8.85
N GLY A 407 -10.65 30.30 10.04
CA GLY A 407 -11.12 28.96 10.29
C GLY A 407 -10.12 28.00 10.91
N GLY A 408 -8.98 28.49 11.40
CA GLY A 408 -7.98 27.56 11.92
C GLY A 408 -7.32 26.72 10.86
N VAL A 409 -7.39 27.14 9.61
CA VAL A 409 -6.91 26.34 8.49
C VAL A 409 -5.42 26.56 8.32
N MET A 410 -4.71 25.47 8.00
CA MET A 410 -3.29 25.50 7.68
C MET A 410 -3.10 26.00 6.24
N THR A 411 -2.43 27.13 6.08
CA THR A 411 -2.07 27.60 4.74
C THR A 411 -0.56 27.55 4.61
N VAL A 412 -0.08 26.58 3.83
CA VAL A 412 1.34 26.29 3.73
C VAL A 412 2.03 27.35 2.86
N LEU A 413 3.17 27.83 3.34
CA LEU A 413 4.05 28.67 2.55
C LEU A 413 5.32 27.94 2.13
N ILE A 414 5.86 27.05 2.95
CA ILE A 414 7.04 26.26 2.61
C ILE A 414 6.67 24.79 2.79
N LYS A 415 6.49 24.12 1.66
CA LYS A 415 6.11 22.68 1.63
C LYS A 415 7.24 21.86 2.24
N ARG A 416 6.92 20.68 2.77
CA ARG A 416 7.96 19.79 3.37
C ARG A 416 8.84 19.21 2.26
N ASN A 417 10.11 18.97 2.63
CA ASN A 417 11.23 18.44 1.78
C ASN A 417 11.84 19.58 0.94
N THR A 418 11.41 20.82 1.17
CA THR A 418 11.94 22.00 0.44
C THR A 418 13.39 22.21 0.85
N THR A 419 14.26 22.51 -0.12
CA THR A 419 15.71 22.73 0.13
C THR A 419 15.94 24.03 0.90
N ILE A 420 17.04 24.09 1.63
CA ILE A 420 17.43 25.22 2.48
C ILE A 420 18.77 25.77 2.02
N PRO A 421 19.00 27.10 2.05
CA PRO A 421 18.07 28.15 2.48
C PRO A 421 17.00 28.43 1.45
N THR A 422 15.79 28.77 1.90
CA THR A 422 14.71 29.14 1.02
C THR A 422 14.02 30.39 1.57
N LYS A 423 13.41 31.15 0.67
CA LYS A 423 12.56 32.27 1.04
C LYS A 423 11.32 32.22 0.17
N GLN A 424 10.15 32.28 0.80
CA GLN A 424 8.89 32.24 0.09
C GLN A 424 7.94 33.25 0.70
N THR A 425 7.12 33.86 -0.16
CA THR A 425 6.27 34.98 0.22
C THR A 425 4.90 34.78 -0.41
N GLN A 426 3.84 35.14 0.33
CA GLN A 426 2.48 35.11 -0.17
C GLN A 426 1.74 36.33 0.36
N THR A 427 0.69 36.75 -0.35
CA THR A 427 -0.10 37.92 0.03
C THR A 427 -1.43 37.45 0.62
N PHE A 428 -1.80 38.02 1.75
CA PHE A 428 -3.04 37.64 2.42
C PHE A 428 -3.95 38.87 2.50
N THR A 429 -5.13 38.69 3.06
CA THR A 429 -6.06 39.80 3.21
C THR A 429 -6.89 39.58 4.48
N THR A 430 -7.74 40.54 4.79
CA THR A 430 -8.61 40.47 5.96
C THR A 430 -9.87 39.67 5.65
N TYR A 431 -10.47 39.13 6.71
CA TYR A 431 -11.70 38.31 6.60
C TYR A 431 -12.92 39.17 6.95
N SER A 432 -12.74 40.10 7.88
CA SER A 432 -13.83 40.98 8.36
C SER A 432 -13.60 42.40 7.83
N ASP A 433 -14.68 43.17 7.68
CA ASP A 433 -14.54 44.54 7.18
C ASP A 433 -13.94 45.44 8.24
N ASN A 434 -13.09 46.37 7.78
CA ASN A 434 -12.38 47.28 8.67
C ASN A 434 -11.59 46.52 9.74
N GLN A 435 -10.95 45.45 9.34
CA GLN A 435 -10.16 44.71 10.29
C GLN A 435 -8.95 45.53 10.67
N PRO A 436 -8.79 45.91 11.95
CA PRO A 436 -7.63 46.75 12.33
C PRO A 436 -6.31 46.00 12.25
N GLY A 437 -6.31 44.68 12.45
CA GLY A 437 -5.07 43.96 12.48
C GLY A 437 -5.27 42.49 12.18
N VAL A 438 -4.15 41.85 11.83
CA VAL A 438 -4.10 40.41 11.63
C VAL A 438 -3.16 39.80 12.65
N LEU A 439 -3.54 38.66 13.19
CA LEU A 439 -2.69 37.91 14.10
C LEU A 439 -2.02 36.81 13.28
N ILE A 440 -0.71 36.88 13.18
CA ILE A 440 0.03 35.90 12.39
C ILE A 440 0.55 34.80 13.31
N GLN A 441 0.25 33.56 12.92
CA GLN A 441 0.41 32.39 13.77
C GLN A 441 1.12 31.34 12.94
N VAL A 442 2.44 31.16 13.20
CA VAL A 442 3.27 30.23 12.45
C VAL A 442 3.11 28.82 13.00
N TYR A 443 3.01 27.85 12.09
CA TYR A 443 2.68 26.48 12.45
C TYR A 443 3.57 25.52 11.69
N GLU A 444 3.81 24.37 12.32
CA GLU A 444 4.52 23.24 11.74
C GLU A 444 3.55 22.08 11.57
N GLY A 445 3.63 21.40 10.43
CA GLY A 445 2.83 20.20 10.29
C GLY A 445 2.17 20.02 8.93
N GLU A 446 1.58 18.84 8.71
CA GLU A 446 1.04 18.41 7.42
C GLU A 446 -0.44 18.18 7.48
N ARG A 447 -1.07 18.48 8.61
CA ARG A 447 -2.50 18.39 8.76
C ARG A 447 -3.19 19.65 8.24
N ALA A 448 -4.47 19.51 7.89
CA ALA A 448 -5.20 20.61 7.26
C ALA A 448 -5.51 21.72 8.26
N MET A 449 -5.87 21.35 9.50
CA MET A 449 -6.24 22.29 10.55
C MET A 449 -5.06 22.55 11.48
N THR A 450 -4.85 23.82 11.83
CA THR A 450 -3.73 24.20 12.67
C THR A 450 -3.78 23.50 14.03
N LYS A 451 -4.98 23.23 14.54
CA LYS A 451 -5.10 22.56 15.83
C LYS A 451 -4.42 21.19 15.82
N ASP A 452 -4.39 20.51 14.67
CA ASP A 452 -3.66 19.27 14.53
C ASP A 452 -2.20 19.48 14.14
N ASN A 453 -1.67 20.70 14.28
CA ASN A 453 -0.29 21.00 13.92
C ASN A 453 0.43 21.65 15.11
N ASN A 454 1.71 21.97 14.94
CA ASN A 454 2.56 22.48 16.02
C ASN A 454 2.75 23.98 15.89
N LEU A 455 2.38 24.71 16.93
CA LEU A 455 2.46 26.18 16.97
C LEU A 455 3.91 26.59 17.20
N LEU A 456 4.48 27.34 16.27
CA LEU A 456 5.86 27.77 16.44
C LEU A 456 5.98 29.15 17.07
N GLY A 457 5.14 30.11 16.67
CA GLY A 457 5.23 31.47 17.16
C GLY A 457 4.06 32.31 16.68
N LYS A 458 3.81 33.40 17.40
CA LYS A 458 2.71 34.30 17.11
C LYS A 458 3.21 35.74 17.14
N PHE A 459 2.67 36.57 16.25
CA PHE A 459 2.86 38.01 16.43
C PHE A 459 1.75 38.77 15.73
N GLU A 460 1.44 39.96 16.25
CA GLU A 460 0.38 40.81 15.71
C GLU A 460 0.92 41.74 14.62
N LEU A 461 0.11 41.96 13.60
CA LEU A 461 0.31 43.11 12.72
C LEU A 461 -0.90 44.00 12.87
N THR A 462 -0.68 45.21 13.37
CA THR A 462 -1.76 46.11 13.73
C THR A 462 -1.61 47.43 12.99
N GLY A 463 -2.62 48.29 13.17
CA GLY A 463 -2.66 49.57 12.48
C GLY A 463 -3.06 49.47 11.02
N ILE A 464 -3.89 48.51 10.66
CA ILE A 464 -4.29 48.37 9.26
C ILE A 464 -5.39 49.39 8.95
N PRO A 465 -5.25 50.16 7.89
CA PRO A 465 -6.27 51.15 7.53
C PRO A 465 -7.60 50.47 7.22
N PRO A 466 -8.69 50.95 7.82
CA PRO A 466 -9.98 50.29 7.65
C PRO A 466 -10.38 50.21 6.18
N ALA A 467 -10.97 49.08 5.82
CA ALA A 467 -11.37 48.84 4.41
C ALA A 467 -12.37 47.70 4.37
N PRO A 468 -12.94 47.39 3.19
CA PRO A 468 -13.82 46.25 3.02
C PRO A 468 -12.97 44.97 3.09
N ARG A 469 -13.58 43.86 3.47
CA ARG A 469 -12.84 42.58 3.58
C ARG A 469 -12.25 42.23 2.21
N GLY A 470 -11.00 41.75 2.19
CA GLY A 470 -10.31 41.33 0.96
C GLY A 470 -9.58 42.47 0.27
N VAL A 471 -9.67 43.69 0.81
CA VAL A 471 -8.99 44.85 0.18
C VAL A 471 -7.58 45.00 0.77
N PRO A 472 -7.40 45.07 2.10
CA PRO A 472 -6.04 45.16 2.68
C PRO A 472 -5.12 44.04 2.19
N GLN A 473 -3.85 44.41 1.96
CA GLN A 473 -2.84 43.50 1.43
C GLN A 473 -1.73 43.28 2.45
N ILE A 474 -1.59 42.03 2.91
CA ILE A 474 -0.61 41.68 3.93
C ILE A 474 0.34 40.62 3.36
N GLU A 475 1.60 40.99 3.24
CA GLU A 475 2.63 40.14 2.65
C GLU A 475 3.39 39.46 3.79
N VAL A 476 3.09 38.19 4.02
CA VAL A 476 3.88 37.38 4.92
C VAL A 476 5.02 36.74 4.12
N THR A 477 6.24 36.81 4.66
CA THR A 477 7.40 36.11 4.12
C THR A 477 7.92 35.09 5.13
N PHE A 478 8.25 33.90 4.63
CA PHE A 478 8.95 32.87 5.41
C PHE A 478 10.37 32.81 4.86
N ASP A 479 11.36 33.05 5.74
CA ASP A 479 12.76 33.03 5.36
C ASP A 479 13.49 32.06 6.25
N ILE A 480 14.16 31.08 5.64
CA ILE A 480 14.95 30.07 6.34
C ILE A 480 16.40 30.20 5.88
N ASP A 481 17.28 30.67 6.77
CA ASP A 481 18.70 30.64 6.46
C ASP A 481 19.19 29.18 6.47
N ALA A 482 20.49 28.98 6.30
CA ALA A 482 21.04 27.63 6.18
C ALA A 482 21.23 26.93 7.53
N ASN A 483 21.15 27.64 8.65
CA ASN A 483 21.18 26.98 9.95
C ASN A 483 19.83 26.47 10.39
N GLY A 484 18.79 26.73 9.58
CA GLY A 484 17.44 26.38 9.94
C GLY A 484 16.70 27.47 10.70
N ILE A 485 17.32 28.63 10.91
CA ILE A 485 16.66 29.75 11.55
C ILE A 485 15.55 30.25 10.63
N LEU A 486 14.31 30.03 11.05
CA LEU A 486 13.14 30.55 10.38
C LEU A 486 12.87 31.96 10.87
N ASN A 487 12.60 32.87 9.92
CA ASN A 487 12.24 34.25 10.18
C ASN A 487 10.95 34.54 9.43
N VAL A 488 9.91 34.96 10.16
CA VAL A 488 8.61 35.24 9.56
C VAL A 488 8.27 36.72 9.76
N SER A 489 7.97 37.41 8.66
CA SER A 489 7.62 38.83 8.73
C SER A 489 6.35 39.12 7.93
N ALA A 490 5.61 40.11 8.40
CA ALA A 490 4.42 40.59 7.71
C ALA A 490 4.56 42.09 7.48
N VAL A 491 4.17 42.54 6.29
CA VAL A 491 4.23 43.99 5.99
C VAL A 491 2.82 44.43 5.59
N ASP A 492 2.33 45.51 6.18
CA ASP A 492 1.04 46.05 5.68
C ASP A 492 1.44 46.75 4.37
N LYS A 493 0.89 46.30 3.25
CA LYS A 493 1.29 46.82 1.91
C LYS A 493 0.82 48.27 1.71
N SER A 494 -0.19 48.70 2.46
CA SER A 494 -0.69 50.07 2.30
C SER A 494 0.17 51.06 3.10
N THR A 495 0.96 50.63 4.07
CA THR A 495 1.76 51.63 4.84
C THR A 495 3.24 51.28 4.94
N GLY A 496 3.61 50.03 4.75
CA GLY A 496 5.01 49.66 4.96
C GLY A 496 5.26 49.23 6.39
N LYS A 497 4.25 49.27 7.26
CA LYS A 497 4.43 48.84 8.67
C LYS A 497 4.79 47.35 8.66
N GLU A 498 5.71 46.93 9.51
CA GLU A 498 6.10 45.51 9.46
C GLU A 498 6.36 44.96 10.86
N ASN A 499 6.32 43.64 10.95
CA ASN A 499 6.61 42.90 12.16
C ASN A 499 7.25 41.58 11.79
N LYS A 500 8.08 41.07 12.68
CA LYS A 500 8.76 39.80 12.38
C LYS A 500 8.96 38.99 13.66
N ILE A 501 9.03 37.69 13.49
CA ILE A 501 9.34 36.75 14.56
C ILE A 501 10.48 35.87 14.09
N THR A 502 11.43 35.60 14.98
CA THR A 502 12.54 34.70 14.70
C THR A 502 12.35 33.42 15.50
N ILE A 503 12.27 32.31 14.78
CA ILE A 503 11.99 31.00 15.44
C ILE A 503 13.31 30.23 15.56
N THR A 504 13.72 29.98 16.81
CA THR A 504 14.98 29.27 17.10
C THR A 504 14.91 27.87 16.47
N ASN A 505 15.99 27.42 15.85
CA ASN A 505 15.99 26.03 15.32
C ASN A 505 16.57 25.15 16.42
N ASP A 506 15.72 24.52 17.22
CA ASP A 506 16.21 23.66 18.30
C ASP A 506 16.72 22.36 17.67
N LYS A 507 17.99 22.03 17.89
CA LYS A 507 18.59 20.80 17.32
C LYS A 507 17.95 19.59 18.01
N GLY A 508 17.59 18.58 17.22
CA GLY A 508 17.01 17.36 17.81
C GLY A 508 15.65 17.60 18.44
N ARG A 509 14.99 18.72 18.12
CA ARG A 509 13.66 18.93 18.71
C ARG A 509 12.73 17.82 18.24
N LEU A 510 12.84 17.46 16.96
CA LEU A 510 12.04 16.39 16.40
C LEU A 510 12.97 15.23 16.05
N SER A 511 12.57 14.02 16.42
CA SER A 511 13.33 12.86 15.99
C SER A 511 12.90 12.46 14.58
N LYS A 512 13.67 11.55 13.98
CA LYS A 512 13.24 10.98 12.72
C LYS A 512 11.86 10.36 12.85
N GLU A 513 11.61 9.66 13.96
CA GLU A 513 10.29 9.05 14.16
C GLU A 513 9.21 10.08 14.49
N ASP A 514 9.58 11.26 14.99
CA ASP A 514 8.57 12.28 15.21
C ASP A 514 7.95 12.71 13.88
N ILE A 515 8.80 12.90 12.88
CA ILE A 515 8.37 13.34 11.53
C ILE A 515 7.43 12.29 10.94
N GLU A 516 7.74 11.01 11.16
CA GLU A 516 6.94 9.88 10.64
C GLU A 516 5.53 9.87 11.23
N ARG A 517 5.40 10.15 12.52
CA ARG A 517 4.08 10.18 13.19
C ARG A 517 3.22 11.30 12.57
N MET A 518 3.81 12.47 12.34
CA MET A 518 3.07 13.62 11.75
C MET A 518 2.65 13.25 10.32
N VAL A 519 3.58 12.71 9.53
CA VAL A 519 3.28 12.27 8.17
C VAL A 519 2.19 11.20 8.17
N GLN A 520 2.26 10.25 9.10
CA GLN A 520 1.29 9.15 9.13
C GLN A 520 -0.09 9.65 9.53
N GLU A 521 -0.17 10.61 10.45
CA GLU A 521 -1.47 11.13 10.85
C GLU A 521 -2.15 11.84 9.67
N ALA A 522 -1.37 12.59 8.89
CA ALA A 522 -1.91 13.20 7.68
C ALA A 522 -2.30 12.15 6.65
N GLU A 523 -1.62 11.01 6.65
CA GLU A 523 -1.99 9.86 5.79
C GLU A 523 -3.30 9.23 6.26
N LYS A 524 -3.45 9.03 7.58
CA LYS A 524 -4.64 8.39 8.13
C LYS A 524 -5.89 9.24 7.92
N TYR A 525 -5.75 10.56 7.98
CA TYR A 525 -6.92 11.45 7.91
C TYR A 525 -6.94 12.31 6.64
N LYS A 526 -6.23 11.88 5.60
CA LYS A 526 -6.07 12.71 4.38
C LYS A 526 -7.44 13.08 3.84
N ALA A 527 -8.39 12.15 3.91
CA ALA A 527 -9.73 12.40 3.40
C ALA A 527 -10.45 13.43 4.27
N GLU A 528 -10.50 13.21 5.58
CA GLU A 528 -11.11 14.19 6.47
C GLU A 528 -10.45 15.55 6.32
N ASP A 529 -9.13 15.56 6.13
CA ASP A 529 -8.43 16.81 5.86
C ASP A 529 -8.79 17.39 4.50
N GLU A 530 -8.97 16.52 3.49
CA GLU A 530 -9.36 17.00 2.16
C GLU A 530 -10.64 17.82 2.23
N LYS A 531 -11.71 17.21 2.76
CA LYS A 531 -12.99 17.89 2.83
C LYS A 531 -12.89 19.20 3.60
N GLN A 532 -12.12 19.21 4.69
CA GLN A 532 -11.99 20.42 5.49
C GLN A 532 -11.32 21.55 4.71
N ARG A 533 -10.33 21.20 3.89
CA ARG A 533 -9.64 22.24 3.08
C ARG A 533 -10.68 22.88 2.15
N ASP A 534 -11.53 22.05 1.54
CA ASP A 534 -12.58 22.48 0.58
C ASP A 534 -13.63 23.38 1.23
N LYS A 535 -14.05 23.08 2.46
CA LYS A 535 -15.17 23.84 3.08
C LYS A 535 -14.88 25.33 3.17
N VAL A 536 -13.69 25.73 3.62
CA VAL A 536 -13.36 27.18 3.77
C VAL A 536 -13.14 27.82 2.40
N SER A 537 -13.61 29.06 2.22
CA SER A 537 -13.41 29.81 0.95
C SER A 537 -12.47 30.99 1.19
N SER A 538 -11.73 30.99 2.31
CA SER A 538 -10.90 32.14 2.73
C SER A 538 -9.93 32.57 1.62
N LYS A 539 -9.26 31.65 0.95
CA LYS A 539 -8.30 32.06 -0.12
C LYS A 539 -7.27 33.03 0.47
N ASN A 540 -6.69 32.67 1.61
CA ASN A 540 -5.64 33.45 2.30
C ASN A 540 -6.14 34.72 3.03
N SER A 541 -7.25 34.61 3.75
CA SER A 541 -7.72 35.68 4.62
C SER A 541 -7.20 35.43 6.03
N LEU A 542 -6.80 36.49 6.71
CA LEU A 542 -6.27 36.39 8.08
C LEU A 542 -7.22 37.08 9.07
N GLU A 543 -7.49 36.43 10.21
CA GLU A 543 -8.32 36.98 11.32
C GLU A 543 -7.40 37.63 12.37
N SER A 544 -8.00 38.24 13.39
CA SER A 544 -7.27 38.95 14.48
C SER A 544 -7.04 38.10 15.73
N TYR A 545 -7.71 36.95 15.83
CA TYR A 545 -7.64 36.09 16.99
C TYR A 545 -7.14 34.69 16.59
N ALA A 546 -6.63 33.97 17.57
CA ALA A 546 -6.32 32.56 17.41
C ALA A 546 -7.61 31.74 17.34
N PHE A 547 -7.80 31.01 16.23
CA PHE A 547 -9.02 30.23 16.05
C PHE A 547 -9.17 29.10 17.08
N ASN A 548 -8.06 28.49 17.52
CA ASN A 548 -8.17 27.36 18.44
C ASN A 548 -8.51 27.75 19.88
N MET A 549 -8.53 29.03 20.21
CA MET A 549 -8.90 29.48 21.54
C MET A 549 -10.28 30.13 21.63
N LYS A 550 -11.06 30.15 20.55
CA LYS A 550 -12.38 30.78 20.57
C LYS A 550 -13.45 29.81 21.10
N ALA A 551 -14.36 30.35 21.92
CA ALA A 551 -15.56 29.62 22.35
C ALA A 551 -16.57 29.46 21.21
C01 7UE B . 6.12 -16.50 -13.92
C02 7UE B . 5.00 -16.23 -13.11
C03 7UE B . 3.84 -15.60 -13.64
C04 7UE B . 3.88 -15.26 -14.98
C05 7UE B . 6.02 -16.11 -15.25
C06 7UE B . 9.33 -18.15 -13.38
C07 7UE B . 8.38 -17.55 -14.20
C08 7UE B . 7.59 -17.49 -12.12
C09 7UE B . 8.82 -18.10 -12.07
C10 7UE B . 2.61 -15.28 -12.83
N01 7UE B . 4.94 -15.50 -15.80
N02 7UE B . 7.30 -17.14 -13.43
O01 7UE B . 1.65 -14.74 -13.47
O02 7UE B . 2.63 -15.55 -11.59
K K C . 1.58 -8.59 3.69
N1 EPE D . 0.59 19.29 18.73
C2 EPE D . 1.00 18.06 19.41
C3 EPE D . 1.65 17.04 18.48
N4 EPE D . 0.78 16.78 17.34
C5 EPE D . 0.60 18.04 16.62
C6 EPE D . -0.18 18.97 17.53
C7 EPE D . 1.41 15.80 16.46
C8 EPE D . 1.37 14.41 17.09
O8 EPE D . 0.03 13.92 17.04
C9 EPE D . -0.30 19.99 19.64
C10 EPE D . -0.16 21.49 19.54
S EPE D . 1.37 21.98 19.86
O1S EPE D . 1.61 23.23 19.17
O2S EPE D . 1.55 22.22 21.28
O3S EPE D . 2.32 21.00 19.37
C1 GOL E . -7.12 -7.90 -0.43
O1 GOL E . -8.25 -7.90 -1.29
C2 GOL E . -7.52 -8.14 1.00
O2 GOL E . -6.36 -8.08 1.82
C3 GOL E . -8.55 -7.16 1.52
O3 GOL E . -9.88 -7.48 1.11
#